data_3OX1
#
_entry.id   3OX1
#
_cell.length_a   56.587
_cell.length_b   83.741
_cell.length_c   106.432
_cell.angle_alpha   90.000
_cell.angle_beta   90.000
_cell.angle_gamma   90.000
#
_symmetry.space_group_name_H-M   'P 21 21 21'
#
loop_
_entity.id
_entity.type
_entity.pdbx_description
1 polymer 'Ribosyldihydronicotinamide dehydrogenase [quinone]'
2 non-polymer 'ZINC ION'
3 non-polymer 'FLAVIN-ADENINE DINUCLEOTIDE'
4 non-polymer N-{2-[7-(methylsulfamoyl)naphthalen-1-yl]ethyl}acetamide
5 water water
#
_entity_poly.entity_id   1
_entity_poly.type   'polypeptide(L)'
_entity_poly.pdbx_seq_one_letter_code
;MAGKKVLIVYAHQEPKSFNGSLKNVAVDELSRQGCTVTVSDLYAMNFEPRATDKDITGTLSNPEVFNYGVETHEAYKQRS
LASDITDEQKKVREADLVIFQFPLYWFSVPAILKGWMDRVLCQGFAFDIPGFYDSGLLQGKLALLSVTTGGTAEMYTKTG
VNGDSRYFLWPLQHGTLHFCGFKVLAPQISFAPEIASEEERKGMVAAWSQRLQTIWKEEPIPCTAHWHFGQ
;
_entity_poly.pdbx_strand_id   A,B
#
loop_
_chem_comp.id
_chem_comp.type
_chem_comp.name
_chem_comp.formula
695 non-polymer N-{2-[7-(methylsulfamoyl)naphthalen-1-yl]ethyl}acetamide 'C15 H18 N2 O3 S'
FAD non-polymer 'FLAVIN-ADENINE DINUCLEOTIDE' 'C27 H33 N9 O15 P2'
ZN non-polymer 'ZINC ION' 'Zn 2'
#
# COMPACT_ATOMS: atom_id res chain seq x y z
N GLY A 3 -2.25 -14.59 30.84
CA GLY A 3 -2.94 -14.93 29.56
C GLY A 3 -2.48 -13.93 28.51
N LYS A 4 -2.75 -14.19 27.25
CA LYS A 4 -2.46 -13.22 26.21
C LYS A 4 -3.56 -13.21 25.15
N LYS A 5 -3.75 -12.05 24.52
CA LYS A 5 -4.68 -11.92 23.40
C LYS A 5 -3.94 -11.68 22.08
N VAL A 6 -4.38 -12.38 21.05
CA VAL A 6 -3.82 -12.25 19.72
C VAL A 6 -4.92 -11.89 18.73
N LEU A 7 -4.65 -10.87 17.93
CA LEU A 7 -5.49 -10.54 16.78
C LEU A 7 -4.76 -10.92 15.49
N ILE A 8 -5.41 -11.71 14.64
CA ILE A 8 -4.91 -12.00 13.30
C ILE A 8 -5.75 -11.19 12.30
N VAL A 9 -5.09 -10.29 11.58
CA VAL A 9 -5.73 -9.52 10.51
C VAL A 9 -5.37 -10.24 9.22
N TYR A 10 -6.37 -10.83 8.59
CA TYR A 10 -6.15 -11.83 7.55
C TYR A 10 -6.73 -11.33 6.23
N ALA A 11 -5.95 -11.41 5.16
CA ALA A 11 -6.35 -10.80 3.89
C ALA A 11 -6.10 -11.74 2.69
N HIS A 12 -6.99 -12.71 2.56
CA HIS A 12 -7.00 -13.57 1.41
C HIS A 12 -8.44 -13.98 1.09
N GLN A 13 -8.74 -14.04 -0.21
CA GLN A 13 -10.10 -14.31 -0.69
C GLN A 13 -10.53 -15.77 -0.51
N GLU A 14 -9.54 -16.65 -0.42
CA GLU A 14 -9.78 -18.09 -0.55
C GLU A 14 -9.42 -18.88 0.72
N PRO A 15 -10.42 -19.46 1.40
CA PRO A 15 -10.17 -20.25 2.63
C PRO A 15 -9.19 -21.41 2.42
N LYS A 16 -9.20 -22.01 1.22
CA LYS A 16 -8.30 -23.15 0.90
C LYS A 16 -6.91 -22.72 0.46
N SER A 17 -6.66 -21.42 0.49
CA SER A 17 -5.35 -20.93 0.06
C SER A 17 -4.25 -21.25 1.07
N PHE A 18 -3.02 -21.03 0.66
CA PHE A 18 -1.86 -21.18 1.53
C PHE A 18 -1.90 -20.18 2.67
N ASN A 19 -2.29 -18.94 2.35
CA ASN A 19 -2.54 -17.93 3.39
C ASN A 19 -3.59 -18.39 4.41
N GLY A 20 -4.69 -18.94 3.90
CA GLY A 20 -5.74 -19.53 4.71
C GLY A 20 -5.20 -20.61 5.63
N SER A 21 -4.34 -21.48 5.10
CA SER A 21 -3.68 -22.51 5.92
C SER A 21 -2.76 -21.93 6.98
N LEU A 22 -2.02 -20.88 6.66
CA LEU A 22 -1.17 -20.26 7.63
C LEU A 22 -1.98 -19.58 8.74
N LYS A 23 -3.09 -18.95 8.36
CA LYS A 23 -3.97 -18.33 9.34
C LYS A 23 -4.53 -19.43 10.27
N ASN A 24 -5.04 -20.50 9.67
CA ASN A 24 -5.60 -21.62 10.41
C ASN A 24 -4.63 -22.30 11.40
N VAL A 25 -3.41 -22.56 10.95
CA VAL A 25 -2.32 -23.02 11.82
C VAL A 25 -2.05 -22.07 12.99
N ALA A 26 -2.05 -20.77 12.72
CA ALA A 26 -1.89 -19.79 13.78
C ALA A 26 -3.03 -19.88 14.79
N VAL A 27 -4.28 -19.90 14.31
CA VAL A 27 -5.43 -20.11 15.18
C VAL A 27 -5.27 -21.40 16.00
N ASP A 28 -5.00 -22.52 15.34
CA ASP A 28 -4.90 -23.82 16.03
C ASP A 28 -3.82 -23.79 17.11
N GLU A 29 -2.62 -23.34 16.77
CA GLU A 29 -1.51 -23.33 17.75
C GLU A 29 -1.66 -22.33 18.93
N LEU A 30 -2.09 -21.11 18.62
CA LEU A 30 -2.25 -20.13 19.70
C LEU A 30 -3.44 -20.50 20.60
N SER A 31 -4.47 -21.10 19.99
CA SER A 31 -5.62 -21.62 20.74
C SER A 31 -5.16 -22.77 21.66
N ARG A 32 -4.36 -23.68 21.12
CA ARG A 32 -3.78 -24.79 21.90
C ARG A 32 -3.00 -24.31 23.13
N GLN A 33 -2.25 -23.21 22.96
CA GLN A 33 -1.48 -22.60 24.04
C GLN A 33 -2.34 -21.97 25.13
N GLY A 34 -3.63 -21.82 24.88
CA GLY A 34 -4.53 -21.21 25.83
C GLY A 34 -4.72 -19.71 25.57
N CYS A 35 -4.12 -19.22 24.49
CA CYS A 35 -4.24 -17.80 24.12
C CYS A 35 -5.66 -17.48 23.68
N THR A 36 -6.04 -16.23 23.91
CA THR A 36 -7.29 -15.69 23.39
C THR A 36 -7.04 -15.24 21.95
N VAL A 37 -7.84 -15.73 21.01
CA VAL A 37 -7.58 -15.49 19.59
C VAL A 37 -8.80 -14.89 18.87
N THR A 38 -8.55 -13.86 18.08
CA THR A 38 -9.57 -13.20 17.26
C THR A 38 -9.01 -13.07 15.86
N VAL A 39 -9.85 -13.32 14.87
CA VAL A 39 -9.46 -13.17 13.46
C VAL A 39 -10.33 -12.11 12.79
N SER A 40 -9.69 -11.12 12.16
CA SER A 40 -10.43 -10.20 11.29
C SER A 40 -10.21 -10.63 9.85
N ASP A 41 -11.19 -11.37 9.30
CA ASP A 41 -11.11 -11.91 7.94
C ASP A 41 -11.63 -10.82 7.01
N LEU A 42 -10.72 -9.96 6.55
CA LEU A 42 -11.13 -8.73 5.84
C LEU A 42 -12.02 -8.97 4.62
N TYR A 43 -11.67 -9.93 3.77
CA TYR A 43 -12.51 -10.18 2.60
C TYR A 43 -13.91 -10.67 2.98
N ALA A 44 -13.98 -11.59 3.95
CA ALA A 44 -15.29 -12.13 4.36
C ALA A 44 -16.14 -11.05 5.03
N MET A 45 -15.50 -10.07 5.66
CA MET A 45 -16.22 -8.94 6.27
C MET A 45 -16.57 -7.88 5.21
N ASN A 46 -16.12 -8.10 3.97
CA ASN A 46 -16.19 -7.07 2.92
C ASN A 46 -15.69 -5.69 3.47
N PHE A 47 -14.58 -5.72 4.20
CA PHE A 47 -14.05 -4.55 4.90
C PHE A 47 -13.85 -3.38 3.95
N GLU A 48 -14.36 -2.20 4.33
CA GLU A 48 -14.26 -1.00 3.53
C GLU A 48 -12.83 -0.45 3.53
N PRO A 49 -12.17 -0.38 2.35
CA PRO A 49 -10.79 0.13 2.33
C PRO A 49 -10.66 1.65 2.17
N ARG A 50 -11.70 2.32 1.68
CA ARG A 50 -11.59 3.74 1.32
C ARG A 50 -11.71 4.64 2.52
N ALA A 51 -10.82 5.61 2.61
CA ALA A 51 -10.87 6.66 3.63
C ALA A 51 -11.82 7.76 3.16
N THR A 52 -13.02 7.81 3.73
CA THR A 52 -14.04 8.76 3.26
C THR A 52 -14.78 9.39 4.42
N ASP A 53 -15.58 10.41 4.11
CA ASP A 53 -16.40 11.09 5.12
C ASP A 53 -17.47 10.21 5.80
N LYS A 54 -17.73 9.04 5.23
CA LYS A 54 -18.61 8.06 5.88
C LYS A 54 -17.99 7.46 7.16
N ASP A 55 -16.69 7.66 7.36
CA ASP A 55 -15.97 7.12 8.51
C ASP A 55 -16.23 7.86 9.81
N ILE A 56 -16.87 9.02 9.68
CA ILE A 56 -17.27 9.84 10.80
C ILE A 56 -18.80 9.88 10.85
N THR A 57 -19.37 9.62 12.02
CA THR A 57 -20.82 9.67 12.17
C THR A 57 -21.25 11.03 12.71
N GLY A 58 -22.49 11.40 12.42
CA GLY A 58 -23.02 12.69 12.85
C GLY A 58 -22.42 13.80 12.01
N THR A 59 -22.34 15.00 12.57
CA THR A 59 -21.92 16.16 11.79
C THR A 59 -20.41 16.34 11.84
N LEU A 60 -19.84 16.81 10.73
CA LEU A 60 -18.41 16.94 10.61
C LEU A 60 -17.86 18.17 11.31
N SER A 61 -16.59 18.07 11.71
CA SER A 61 -15.87 19.16 12.35
C SER A 61 -15.75 20.39 11.41
N ASN A 62 -15.56 20.14 10.12
CA ASN A 62 -15.52 21.19 9.10
C ASN A 62 -16.14 20.72 7.79
N PRO A 63 -17.46 20.93 7.63
CA PRO A 63 -18.23 20.42 6.48
C PRO A 63 -18.00 21.19 5.18
N GLU A 64 -17.09 22.16 5.20
CA GLU A 64 -16.76 22.99 4.04
C GLU A 64 -15.57 22.45 3.25
N VAL A 65 -14.53 22.05 4.00
CA VAL A 65 -13.33 21.45 3.45
C VAL A 65 -13.06 20.18 4.26
N PHE A 66 -13.12 19.03 3.60
CA PHE A 66 -12.91 17.73 4.26
C PHE A 66 -11.44 17.35 4.33
N ASN A 67 -10.94 17.18 5.56
CA ASN A 67 -9.57 16.75 5.84
C ASN A 67 -9.71 15.45 6.61
N TYR A 68 -9.35 14.34 5.99
CA TYR A 68 -9.54 13.03 6.60
C TYR A 68 -8.87 12.86 7.97
N GLY A 69 -7.58 13.22 8.05
CA GLY A 69 -6.79 13.11 9.28
C GLY A 69 -7.38 13.88 10.44
N VAL A 70 -7.73 15.15 10.21
CA VAL A 70 -8.30 15.99 11.25
C VAL A 70 -9.68 15.47 11.68
N GLU A 71 -10.53 15.13 10.71
CA GLU A 71 -11.90 14.69 11.04
C GLU A 71 -11.94 13.37 11.77
N THR A 72 -11.05 12.45 11.41
CA THR A 72 -10.98 11.16 12.11
C THR A 72 -10.36 11.28 13.49
N HIS A 73 -9.37 12.18 13.63
CA HIS A 73 -8.80 12.50 14.95
C HIS A 73 -9.88 13.05 15.89
N GLU A 74 -10.62 14.06 15.42
CA GLU A 74 -11.71 14.65 16.21
C GLU A 74 -12.83 13.66 16.52
N ALA A 75 -13.18 12.82 15.54
CA ALA A 75 -14.20 11.78 15.73
C ALA A 75 -13.73 10.72 16.72
N TYR A 76 -12.45 10.37 16.69
CA TYR A 76 -11.93 9.42 17.67
C TYR A 76 -12.12 9.93 19.10
N LYS A 77 -11.71 11.18 19.31
CA LYS A 77 -11.79 11.82 20.61
C LYS A 77 -13.22 11.98 21.07
N GLN A 78 -14.12 12.20 20.11
CA GLN A 78 -15.53 12.43 20.40
C GLN A 78 -16.38 11.19 20.21
N ARG A 79 -15.73 10.03 20.03
CA ARG A 79 -16.40 8.74 19.91
C ARG A 79 -17.45 8.74 18.79
N SER A 80 -17.06 9.28 17.64
CA SER A 80 -17.96 9.45 16.50
C SER A 80 -17.49 8.72 15.23
N LEU A 81 -16.60 7.75 15.38
CA LEU A 81 -16.15 6.96 14.23
C LEU A 81 -17.15 5.89 13.84
N ALA A 82 -17.19 5.54 12.55
CA ALA A 82 -18.01 4.44 12.05
C ALA A 82 -17.69 3.17 12.83
N SER A 83 -18.70 2.33 13.01
CA SER A 83 -18.56 1.16 13.87
C SER A 83 -17.56 0.11 13.36
N ASP A 84 -17.40 0.00 12.05
CA ASP A 84 -16.41 -0.96 11.53
C ASP A 84 -15.01 -0.61 12.03
N ILE A 85 -14.69 0.69 12.02
CA ILE A 85 -13.42 1.17 12.54
C ILE A 85 -13.30 0.90 14.04
N THR A 86 -14.34 1.25 14.81
CA THR A 86 -14.24 1.09 16.25
C THR A 86 -14.27 -0.37 16.69
N ASP A 87 -14.95 -1.24 15.93
CA ASP A 87 -14.86 -2.68 16.15
C ASP A 87 -13.42 -3.18 16.03
N GLU A 88 -12.70 -2.71 15.01
CA GLU A 88 -11.29 -3.08 14.85
C GLU A 88 -10.40 -2.48 15.92
N GLN A 89 -10.62 -1.22 16.27
CA GLN A 89 -9.83 -0.59 17.33
C GLN A 89 -9.95 -1.33 18.66
N LYS A 90 -11.15 -1.81 18.97
CA LYS A 90 -11.32 -2.61 20.20
C LYS A 90 -10.48 -3.90 20.20
N LYS A 91 -10.45 -4.62 19.08
CA LYS A 91 -9.64 -5.83 18.96
C LYS A 91 -8.15 -5.50 19.10
N VAL A 92 -7.74 -4.36 18.53
CA VAL A 92 -6.33 -3.97 18.56
C VAL A 92 -5.95 -3.53 19.97
N ARG A 93 -6.77 -2.68 20.58
CA ARG A 93 -6.55 -2.18 21.96
C ARG A 93 -6.34 -3.33 22.95
N GLU A 94 -7.17 -4.36 22.87
CA GLU A 94 -7.08 -5.50 23.78
C GLU A 94 -5.97 -6.49 23.42
N ALA A 95 -5.50 -6.47 22.18
CA ALA A 95 -4.49 -7.42 21.72
C ALA A 95 -3.09 -7.21 22.33
N ASP A 96 -2.41 -8.31 22.62
CA ASP A 96 -1.01 -8.26 23.04
C ASP A 96 -0.12 -8.41 21.82
N LEU A 97 -0.64 -9.13 20.83
CA LEU A 97 0.09 -9.41 19.60
C LEU A 97 -0.87 -9.28 18.42
N VAL A 98 -0.43 -8.58 17.37
CA VAL A 98 -1.18 -8.48 16.12
C VAL A 98 -0.38 -9.07 14.97
N ILE A 99 -0.92 -10.12 14.36
CA ILE A 99 -0.33 -10.80 13.24
C ILE A 99 -1.11 -10.41 11.99
N PHE A 100 -0.39 -9.95 10.95
CA PHE A 100 -0.97 -9.67 9.64
C PHE A 100 -0.61 -10.81 8.72
N GLN A 101 -1.63 -11.44 8.15
CA GLN A 101 -1.42 -12.60 7.29
C GLN A 101 -1.92 -12.27 5.88
N PHE A 102 -1.00 -12.12 4.93
CA PHE A 102 -1.39 -11.59 3.62
C PHE A 102 -0.38 -11.99 2.52
N PRO A 103 -0.87 -12.16 1.27
CA PRO A 103 0.05 -12.28 0.15
C PRO A 103 0.60 -10.90 -0.21
N LEU A 104 1.86 -10.87 -0.63
CA LEU A 104 2.46 -9.63 -1.09
C LEU A 104 1.76 -9.16 -2.38
N TYR A 105 1.26 -7.93 -2.37
CA TYR A 105 0.69 -7.32 -3.57
C TYR A 105 1.49 -6.07 -3.86
N TRP A 106 2.17 -6.06 -5.00
CA TRP A 106 3.02 -4.93 -5.40
C TRP A 106 3.96 -4.50 -4.29
N PHE A 107 4.65 -5.49 -3.72
CA PHE A 107 5.66 -5.24 -2.67
C PHE A 107 5.07 -4.54 -1.45
N SER A 108 3.80 -4.82 -1.19
CA SER A 108 3.07 -4.22 -0.10
C SER A 108 1.89 -5.13 0.29
N VAL A 109 0.99 -4.58 1.09
CA VAL A 109 -0.21 -5.30 1.51
C VAL A 109 -1.30 -5.15 0.43
N PRO A 110 -2.17 -6.16 0.29
CA PRO A 110 -3.34 -5.99 -0.59
C PRO A 110 -4.13 -4.77 -0.14
N ALA A 111 -4.75 -4.08 -1.08
CA ALA A 111 -5.44 -2.81 -0.79
C ALA A 111 -6.49 -2.89 0.34
N ILE A 112 -7.17 -4.03 0.46
CA ILE A 112 -8.14 -4.19 1.55
C ILE A 112 -7.47 -4.05 2.92
N LEU A 113 -6.26 -4.59 3.03
CA LEU A 113 -5.46 -4.50 4.26
C LEU A 113 -4.83 -3.12 4.40
N LYS A 114 -4.42 -2.52 3.28
CA LYS A 114 -3.92 -1.15 3.34
C LYS A 114 -5.01 -0.24 3.90
N GLY A 115 -6.25 -0.51 3.47
CA GLY A 115 -7.42 0.22 3.95
C GLY A 115 -7.68 0.04 5.45
N TRP A 116 -7.44 -1.16 5.96
CA TRP A 116 -7.49 -1.40 7.42
C TRP A 116 -6.48 -0.51 8.14
N MET A 117 -5.23 -0.49 7.67
CA MET A 117 -4.21 0.39 8.22
C MET A 117 -4.60 1.87 8.17
N ASP A 118 -5.02 2.35 7.00
CA ASP A 118 -5.44 3.76 6.84
C ASP A 118 -6.56 4.16 7.81
N ARG A 119 -7.56 3.29 7.97
CA ARG A 119 -8.80 3.64 8.64
C ARG A 119 -8.78 3.30 10.13
N VAL A 120 -8.16 2.18 10.49
CA VAL A 120 -8.15 1.72 11.89
C VAL A 120 -7.08 2.45 12.74
N LEU A 121 -5.89 2.64 12.18
CA LEU A 121 -4.77 3.24 12.91
C LEU A 121 -4.82 4.77 12.83
N CYS A 122 -5.90 5.34 13.38
CA CYS A 122 -6.12 6.78 13.26
C CYS A 122 -5.38 7.56 14.34
N GLN A 123 -5.24 8.86 14.12
CA GLN A 123 -4.62 9.74 15.11
C GLN A 123 -5.48 9.78 16.37
N GLY A 124 -4.83 9.65 17.52
CA GLY A 124 -5.52 9.61 18.81
C GLY A 124 -5.61 8.18 19.27
N PHE A 125 -5.82 7.26 18.33
CA PHE A 125 -5.82 5.83 18.63
C PHE A 125 -4.42 5.25 18.59
N ALA A 126 -3.79 5.32 17.41
CA ALA A 126 -2.53 4.62 17.17
C ALA A 126 -1.30 5.51 17.37
N PHE A 127 -1.46 6.81 17.13
CA PHE A 127 -0.33 7.73 17.22
C PHE A 127 -0.88 9.11 17.49
N ASP A 128 0.01 9.99 17.92
CA ASP A 128 -0.34 11.37 18.19
C ASP A 128 0.94 12.21 18.14
N ILE A 129 0.79 13.52 18.27
CA ILE A 129 1.91 14.36 18.66
C ILE A 129 1.73 14.71 20.14
N PRO A 130 2.60 14.14 21.01
CA PRO A 130 3.66 13.24 20.59
C PRO A 130 3.13 11.82 20.72
N GLY A 131 4.00 10.84 20.67
CA GLY A 131 3.53 9.47 20.74
C GLY A 131 3.56 8.86 19.36
N PHE A 132 4.77 8.76 18.84
CA PHE A 132 5.03 8.06 17.61
C PHE A 132 6.40 7.41 17.69
N TYR A 133 6.63 6.47 16.79
CA TYR A 133 7.77 5.58 16.83
C TYR A 133 7.87 4.95 18.22
N ASP A 134 8.97 5.16 18.95
CA ASP A 134 9.11 4.49 20.25
C ASP A 134 8.03 4.86 21.27
N SER A 135 7.55 6.11 21.22
CA SER A 135 6.47 6.51 22.11
C SER A 135 5.06 6.41 21.47
N GLY A 136 4.95 5.69 20.36
CA GLY A 136 3.64 5.46 19.71
C GLY A 136 2.59 4.94 20.69
N LEU A 137 1.33 5.26 20.44
CA LEU A 137 0.27 4.96 21.40
C LEU A 137 0.00 3.47 21.59
N LEU A 138 0.48 2.63 20.67
CA LEU A 138 0.30 1.19 20.83
C LEU A 138 1.54 0.52 21.44
N GLN A 139 2.38 1.30 22.11
CA GLN A 139 3.62 0.77 22.71
C GLN A 139 3.33 -0.42 23.61
N GLY A 140 4.22 -1.39 23.59
CA GLY A 140 4.07 -2.57 24.43
C GLY A 140 3.34 -3.72 23.75
N LYS A 141 2.72 -3.42 22.61
CA LYS A 141 2.10 -4.47 21.80
C LYS A 141 3.11 -5.02 20.81
N LEU A 142 2.94 -6.27 20.44
CA LEU A 142 3.80 -6.88 19.45
C LEU A 142 3.07 -6.92 18.11
N ALA A 143 3.85 -6.87 17.03
CA ALA A 143 3.27 -7.01 15.69
C ALA A 143 4.19 -7.84 14.83
N LEU A 144 3.59 -8.55 13.89
CA LEU A 144 4.32 -9.50 13.10
C LEU A 144 3.67 -9.60 11.72
N LEU A 145 4.49 -9.44 10.68
CA LEU A 145 4.04 -9.63 9.30
C LEU A 145 4.30 -11.06 8.87
N SER A 146 3.23 -11.77 8.51
CA SER A 146 3.35 -13.12 7.93
C SER A 146 2.93 -13.02 6.47
N VAL A 147 3.94 -13.02 5.59
CA VAL A 147 3.80 -12.65 4.18
C VAL A 147 4.10 -13.85 3.30
N THR A 148 3.30 -14.02 2.24
CA THR A 148 3.60 -14.99 1.21
C THR A 148 3.97 -14.23 -0.07
N THR A 149 4.79 -14.84 -0.93
CA THR A 149 5.28 -14.18 -2.14
C THR A 149 5.06 -15.04 -3.38
N GLY A 150 4.99 -14.38 -4.54
CA GLY A 150 5.11 -15.08 -5.82
C GLY A 150 6.56 -15.46 -6.05
N GLY A 151 7.46 -14.51 -5.78
CA GLY A 151 8.89 -14.66 -6.04
C GLY A 151 9.67 -15.52 -5.06
N THR A 152 10.55 -16.34 -5.60
CA THR A 152 11.41 -17.25 -4.82
C THR A 152 12.36 -16.46 -3.91
N ALA A 153 12.90 -17.12 -2.88
CA ALA A 153 13.82 -16.47 -1.94
C ALA A 153 15.02 -15.81 -2.64
N GLU A 154 15.57 -16.49 -3.64
CA GLU A 154 16.73 -15.96 -4.39
C GLU A 154 16.42 -14.60 -5.04
N MET A 155 15.22 -14.46 -5.61
CA MET A 155 14.79 -13.21 -6.24
C MET A 155 14.76 -12.03 -5.25
N TYR A 156 14.70 -12.34 -3.95
CA TYR A 156 14.66 -11.33 -2.89
C TYR A 156 15.99 -11.14 -2.13
N THR A 157 17.09 -11.22 -2.85
CA THR A 157 18.41 -10.89 -2.30
C THR A 157 18.81 -9.54 -2.85
N LYS A 158 19.81 -8.90 -2.24
CA LYS A 158 20.15 -7.51 -2.58
C LYS A 158 20.51 -7.33 -4.05
N THR A 159 20.94 -8.42 -4.69
CA THR A 159 21.20 -8.45 -6.13
C THR A 159 20.46 -9.59 -6.86
N GLY A 160 19.33 -10.02 -6.30
CA GLY A 160 18.33 -10.78 -7.06
C GLY A 160 17.50 -9.78 -7.85
N VAL A 161 16.54 -10.27 -8.62
CA VAL A 161 15.70 -9.38 -9.46
C VAL A 161 14.93 -8.30 -8.68
N ASN A 162 14.43 -8.65 -7.50
CA ASN A 162 13.56 -7.74 -6.73
C ASN A 162 14.28 -6.95 -5.64
N GLY A 163 15.56 -7.24 -5.44
CA GLY A 163 16.31 -6.63 -4.35
C GLY A 163 15.92 -7.28 -3.02
N ASP A 164 16.50 -6.76 -1.94
CA ASP A 164 16.32 -7.30 -0.59
C ASP A 164 14.88 -7.20 -0.08
N SER A 165 14.36 -8.31 0.47
CA SER A 165 13.09 -8.33 1.19
C SER A 165 12.90 -7.15 2.13
N ARG A 166 13.95 -6.79 2.85
CA ARG A 166 13.86 -5.74 3.86
C ARG A 166 13.54 -4.37 3.29
N TYR A 167 13.89 -4.16 2.01
CA TYR A 167 13.54 -2.91 1.34
C TYR A 167 12.03 -2.68 1.33
N PHE A 168 11.25 -3.70 0.98
CA PHE A 168 9.79 -3.54 0.97
C PHE A 168 9.18 -3.61 2.37
N LEU A 169 9.90 -4.21 3.31
CA LEU A 169 9.43 -4.28 4.68
C LEU A 169 9.35 -2.92 5.36
N TRP A 170 10.19 -1.99 4.91
CA TRP A 170 10.34 -0.65 5.51
C TRP A 170 9.04 0.16 5.73
N PRO A 171 8.26 0.41 4.68
CA PRO A 171 7.03 1.17 4.89
C PRO A 171 6.06 0.48 5.86
N LEU A 172 6.06 -0.84 5.90
CA LEU A 172 5.14 -1.56 6.79
C LEU A 172 5.63 -1.67 8.22
N GLN A 173 6.86 -2.15 8.39
CA GLN A 173 7.42 -2.39 9.72
C GLN A 173 7.76 -1.08 10.42
N HIS A 174 8.46 -0.20 9.71
CA HIS A 174 8.93 1.04 10.31
C HIS A 174 7.91 2.17 10.15
N GLY A 175 7.53 2.48 8.91
CA GLY A 175 6.66 3.62 8.65
C GLY A 175 5.25 3.50 9.23
N THR A 176 4.83 2.25 9.49
CA THR A 176 3.50 1.97 10.01
C THR A 176 3.56 1.37 11.43
N LEU A 177 4.05 0.14 11.54
CA LEU A 177 4.02 -0.58 12.81
C LEU A 177 4.86 0.11 13.89
N HIS A 178 6.14 0.35 13.58
CA HIS A 178 7.01 1.05 14.54
C HIS A 178 6.48 2.46 14.85
N PHE A 179 5.97 3.16 13.85
CA PHE A 179 5.42 4.50 14.04
C PHE A 179 4.32 4.54 15.08
N CYS A 180 3.50 3.48 15.13
CA CYS A 180 2.37 3.38 16.08
C CYS A 180 2.78 2.88 17.46
N GLY A 181 4.07 2.57 17.61
CA GLY A 181 4.62 2.10 18.88
C GLY A 181 4.73 0.60 19.06
N PHE A 182 4.35 -0.18 18.06
CA PHE A 182 4.50 -1.63 18.14
C PHE A 182 5.97 -2.03 18.27
N LYS A 183 6.23 -3.10 19.01
CA LYS A 183 7.48 -3.81 18.86
C LYS A 183 7.27 -4.78 17.71
N VAL A 184 8.22 -4.81 16.78
CA VAL A 184 8.05 -5.60 15.60
C VAL A 184 8.85 -6.87 15.73
N LEU A 185 8.17 -8.01 15.67
CA LEU A 185 8.87 -9.29 15.62
C LEU A 185 9.34 -9.52 14.19
N ALA A 186 10.31 -10.42 14.03
CA ALA A 186 10.83 -10.75 12.71
C ALA A 186 9.72 -11.28 11.82
N PRO A 187 9.69 -10.85 10.54
CA PRO A 187 8.63 -11.24 9.63
C PRO A 187 8.69 -12.72 9.36
N GLN A 188 7.52 -13.32 9.14
CA GLN A 188 7.51 -14.68 8.67
C GLN A 188 7.27 -14.56 7.20
N ILE A 189 8.24 -14.98 6.41
CA ILE A 189 8.11 -14.90 4.97
C ILE A 189 8.09 -16.28 4.35
N SER A 190 6.95 -16.63 3.74
CA SER A 190 6.84 -17.91 3.07
C SER A 190 6.98 -17.71 1.57
N PHE A 191 8.20 -17.96 1.08
CA PHE A 191 8.54 -17.70 -0.33
C PHE A 191 7.92 -18.67 -1.30
N ALA A 192 7.18 -18.12 -2.26
CA ALA A 192 6.73 -18.84 -3.46
C ALA A 192 6.04 -20.19 -3.19
N PRO A 193 4.92 -20.18 -2.43
CA PRO A 193 4.19 -21.44 -2.21
C PRO A 193 3.60 -22.08 -3.46
N GLU A 194 3.32 -21.28 -4.49
CA GLU A 194 2.63 -21.79 -5.68
C GLU A 194 3.49 -22.74 -6.52
N ILE A 195 4.80 -22.53 -6.47
CA ILE A 195 5.72 -23.35 -7.25
C ILE A 195 6.51 -24.34 -6.37
N ALA A 196 6.34 -24.23 -5.05
CA ALA A 196 6.94 -25.18 -4.12
C ALA A 196 6.25 -26.53 -4.24
N SER A 197 6.96 -27.58 -3.84
CA SER A 197 6.36 -28.90 -3.80
C SER A 197 5.34 -28.99 -2.66
N GLU A 198 4.42 -29.94 -2.79
CA GLU A 198 3.45 -30.30 -1.77
C GLU A 198 4.15 -30.46 -0.41
N GLU A 199 5.33 -31.08 -0.42
CA GLU A 199 6.14 -31.32 0.77
C GLU A 199 6.80 -30.05 1.34
N GLU A 200 7.32 -29.19 0.48
CA GLU A 200 7.93 -27.91 0.93
C GLU A 200 6.89 -26.96 1.51
N ARG A 201 5.68 -27.05 0.97
CA ARG A 201 4.54 -26.31 1.47
C ARG A 201 4.21 -26.72 2.92
N LYS A 202 3.89 -28.01 3.11
CA LYS A 202 3.70 -28.58 4.45
C LYS A 202 4.84 -28.18 5.40
N GLY A 203 6.05 -28.11 4.85
CA GLY A 203 7.23 -27.71 5.62
C GLY A 203 7.17 -26.26 6.08
N MET A 204 6.76 -25.38 5.18
CA MET A 204 6.65 -23.95 5.49
C MET A 204 5.55 -23.69 6.54
N VAL A 205 4.42 -24.38 6.38
CA VAL A 205 3.30 -24.35 7.31
C VAL A 205 3.72 -24.83 8.71
N ALA A 206 4.45 -25.94 8.76
CA ALA A 206 4.93 -26.51 10.01
C ALA A 206 5.91 -25.59 10.75
N ALA A 207 6.82 -24.96 10.01
CA ALA A 207 7.81 -24.06 10.63
C ALA A 207 7.17 -22.83 11.26
N TRP A 208 6.08 -22.36 10.64
CA TRP A 208 5.26 -21.28 11.18
C TRP A 208 4.64 -21.75 12.51
N SER A 209 4.03 -22.91 12.46
CA SER A 209 3.43 -23.51 13.65
C SER A 209 4.49 -23.66 14.76
N GLN A 210 5.65 -24.21 14.40
CA GLN A 210 6.77 -24.38 15.33
C GLN A 210 7.23 -23.07 15.93
N ARG A 211 7.41 -22.06 15.07
CA ARG A 211 7.80 -20.75 15.54
C ARG A 211 6.78 -20.17 16.53
N LEU A 212 5.50 -20.39 16.27
CA LEU A 212 4.43 -19.88 17.14
C LEU A 212 4.46 -20.49 18.53
N GLN A 213 4.96 -21.71 18.65
CA GLN A 213 5.17 -22.35 19.97
C GLN A 213 5.97 -21.50 20.94
N THR A 214 7.01 -20.82 20.44
CA THR A 214 7.86 -19.97 21.29
C THR A 214 7.78 -18.46 20.99
N ILE A 215 6.69 -18.05 20.33
CA ILE A 215 6.54 -16.65 19.92
C ILE A 215 6.67 -15.64 21.08
N TRP A 216 6.20 -16.04 22.27
CA TRP A 216 6.24 -15.15 23.43
C TRP A 216 7.64 -14.97 24.02
N LYS A 217 8.59 -15.80 23.59
CA LYS A 217 9.97 -15.71 24.06
C LYS A 217 10.79 -14.73 23.22
N GLU A 218 10.29 -14.42 22.02
CA GLU A 218 11.02 -13.58 21.06
C GLU A 218 11.28 -12.15 21.51
N GLU A 219 12.42 -11.62 21.07
CA GLU A 219 12.76 -10.21 21.17
C GLU A 219 12.38 -9.50 19.88
N PRO A 220 11.85 -8.28 19.97
CA PRO A 220 11.53 -7.48 18.78
C PRO A 220 12.80 -7.02 18.05
N ILE A 221 12.75 -7.02 16.71
CA ILE A 221 13.86 -6.55 15.89
C ILE A 221 14.27 -5.11 16.25
N PRO A 222 15.53 -4.73 15.96
CA PRO A 222 15.82 -3.30 16.00
C PRO A 222 15.22 -2.71 14.72
N CYS A 223 14.12 -1.97 14.88
CA CYS A 223 13.40 -1.49 13.71
C CYS A 223 14.00 -0.15 13.26
N THR A 224 15.14 -0.26 12.59
CA THR A 224 15.95 0.91 12.25
C THR A 224 16.20 0.95 10.75
N ALA A 225 16.75 2.07 10.28
CA ALA A 225 17.24 2.16 8.91
C ALA A 225 18.35 1.13 8.65
N HIS A 226 19.21 0.91 9.65
CA HIS A 226 20.31 -0.05 9.51
C HIS A 226 19.85 -1.50 9.30
N TRP A 227 18.83 -1.93 10.05
CA TRP A 227 18.29 -3.29 9.91
C TRP A 227 17.74 -3.55 8.52
N HIS A 228 17.07 -2.55 7.94
CA HIS A 228 16.43 -2.69 6.62
C HIS A 228 17.38 -2.55 5.41
N PHE A 229 18.28 -1.57 5.46
CA PHE A 229 19.08 -1.23 4.27
C PHE A 229 20.59 -1.40 4.45
N GLY A 230 21.07 -1.24 5.69
CA GLY A 230 22.50 -1.31 5.99
C GLY A 230 22.95 -2.66 6.48
N GLY B 3 2.17 15.55 -30.28
CA GLY B 3 0.94 15.35 -29.44
C GLY B 3 1.15 14.26 -28.41
N LYS B 4 0.79 14.51 -27.16
CA LYS B 4 0.99 13.50 -26.12
C LYS B 4 -0.29 13.30 -25.32
N LYS B 5 -0.46 12.10 -24.76
CA LYS B 5 -1.58 11.79 -23.88
C LYS B 5 -1.11 11.60 -22.43
N VAL B 6 -1.77 12.27 -21.50
CA VAL B 6 -1.50 12.19 -20.07
C VAL B 6 -2.71 11.70 -19.28
N LEU B 7 -2.49 10.73 -18.40
CA LEU B 7 -3.50 10.27 -17.45
C LEU B 7 -3.04 10.66 -16.05
N ILE B 8 -3.89 11.35 -15.33
CA ILE B 8 -3.65 11.67 -13.94
C ILE B 8 -4.54 10.78 -13.10
N VAL B 9 -3.90 9.91 -12.32
CA VAL B 9 -4.64 9.07 -11.38
C VAL B 9 -4.58 9.81 -10.06
N TYR B 10 -5.74 10.27 -9.62
CA TYR B 10 -5.85 11.23 -8.53
C TYR B 10 -6.60 10.63 -7.34
N ALA B 11 -5.99 10.71 -6.14
CA ALA B 11 -6.58 10.10 -4.95
C ALA B 11 -6.70 11.07 -3.78
N HIS B 12 -7.67 11.98 -3.85
CA HIS B 12 -7.99 12.83 -2.70
C HIS B 12 -9.48 13.08 -2.67
N GLN B 13 -10.01 13.13 -1.44
CA GLN B 13 -11.44 13.25 -1.17
C GLN B 13 -11.97 14.67 -1.44
N GLU B 14 -11.09 15.66 -1.33
CA GLU B 14 -11.54 17.05 -1.24
C GLU B 14 -11.03 17.88 -2.39
N PRO B 15 -11.93 18.37 -3.26
CA PRO B 15 -11.50 19.19 -4.41
C PRO B 15 -10.68 20.42 -4.01
N LYS B 16 -10.94 20.98 -2.83
CA LYS B 16 -10.26 22.18 -2.34
C LYS B 16 -8.90 21.90 -1.70
N SER B 17 -8.49 20.63 -1.69
CA SER B 17 -7.26 20.27 -1.03
C SER B 17 -6.04 20.75 -1.81
N PHE B 18 -4.89 20.69 -1.14
CA PHE B 18 -3.61 20.95 -1.77
C PHE B 18 -3.35 19.93 -2.89
N ASN B 19 -3.73 18.67 -2.65
CA ASN B 19 -3.73 17.67 -3.73
C ASN B 19 -4.61 18.04 -4.94
N GLY B 20 -5.82 18.51 -4.66
CA GLY B 20 -6.72 18.96 -5.71
C GLY B 20 -6.14 20.10 -6.54
N SER B 21 -5.47 21.03 -5.86
CA SER B 21 -4.79 22.15 -6.53
C SER B 21 -3.62 21.66 -7.39
N LEU B 22 -2.85 20.69 -6.92
CA LEU B 22 -1.75 20.12 -7.71
C LEU B 22 -2.28 19.39 -8.93
N LYS B 23 -3.37 18.65 -8.74
CA LYS B 23 -4.06 18.01 -9.87
C LYS B 23 -4.59 19.05 -10.87
N ASN B 24 -5.26 20.09 -10.37
CA ASN B 24 -5.79 21.13 -11.26
C ASN B 24 -4.72 21.88 -12.02
N VAL B 25 -3.62 22.25 -11.35
CA VAL B 25 -2.54 22.96 -12.07
C VAL B 25 -1.90 22.07 -13.14
N ALA B 26 -1.85 20.77 -12.88
CA ALA B 26 -1.37 19.80 -13.85
C ALA B 26 -2.28 19.75 -15.06
N VAL B 27 -3.59 19.60 -14.82
CA VAL B 27 -4.56 19.67 -15.93
C VAL B 27 -4.43 20.99 -16.71
N ASP B 28 -4.42 22.11 -16.00
CA ASP B 28 -4.29 23.43 -16.62
C ASP B 28 -3.05 23.57 -17.51
N GLU B 29 -1.88 23.24 -16.94
CA GLU B 29 -0.63 23.41 -17.66
C GLU B 29 -0.47 22.41 -18.84
N LEU B 30 -0.88 21.16 -18.64
CA LEU B 30 -0.75 20.19 -19.73
C LEU B 30 -1.74 20.51 -20.85
N SER B 31 -2.92 20.98 -20.47
CA SER B 31 -3.96 21.37 -21.41
C SER B 31 -3.48 22.59 -22.24
N ARG B 32 -2.88 23.56 -21.54
CA ARG B 32 -2.27 24.75 -22.18
C ARG B 32 -1.26 24.38 -23.26
N GLN B 33 -0.45 23.35 -23.01
CA GLN B 33 0.59 22.90 -23.96
C GLN B 33 0.01 22.22 -25.19
N GLY B 34 -1.27 21.87 -25.12
CA GLY B 34 -1.93 21.16 -26.20
C GLY B 34 -1.99 19.66 -25.97
N CYS B 35 -1.55 19.17 -24.81
CA CYS B 35 -1.64 17.75 -24.49
C CYS B 35 -3.08 17.28 -24.31
N THR B 36 -3.30 15.99 -24.53
CA THR B 36 -4.57 15.33 -24.25
C THR B 36 -4.50 14.91 -22.78
N VAL B 37 -5.50 15.27 -22.00
CA VAL B 37 -5.47 15.02 -20.55
C VAL B 37 -6.72 14.29 -20.05
N THR B 38 -6.50 13.24 -19.25
CA THR B 38 -7.57 12.46 -18.62
C THR B 38 -7.27 12.35 -17.14
N VAL B 39 -8.30 12.46 -16.30
CA VAL B 39 -8.15 12.30 -14.86
C VAL B 39 -9.05 11.16 -14.40
N SER B 40 -8.47 10.24 -13.64
CA SER B 40 -9.24 9.23 -12.91
C SER B 40 -9.31 9.71 -11.48
N ASP B 41 -10.44 10.31 -11.10
CA ASP B 41 -10.65 10.85 -9.76
C ASP B 41 -11.22 9.71 -8.93
N LEU B 42 -10.34 8.95 -8.31
CA LEU B 42 -10.75 7.67 -7.74
C LEU B 42 -11.89 7.77 -6.70
N TYR B 43 -11.81 8.71 -5.76
CA TYR B 43 -12.84 8.81 -4.71
C TYR B 43 -14.19 9.19 -5.34
N ALA B 44 -14.15 10.11 -6.30
CA ALA B 44 -15.35 10.55 -7.00
C ALA B 44 -15.96 9.39 -7.80
N MET B 45 -15.11 8.52 -8.32
CA MET B 45 -15.57 7.32 -9.02
C MET B 45 -16.08 6.22 -8.06
N ASN B 46 -15.90 6.40 -6.76
CA ASN B 46 -16.06 5.31 -5.78
C ASN B 46 -15.31 4.04 -6.26
N PHE B 47 -14.08 4.25 -6.72
CA PHE B 47 -13.32 3.16 -7.31
C PHE B 47 -13.20 1.99 -6.33
N GLU B 48 -13.46 0.79 -6.84
CA GLU B 48 -13.40 -0.44 -6.05
C GLU B 48 -11.94 -0.84 -5.79
N PRO B 49 -11.53 -0.83 -4.51
CA PRO B 49 -10.13 -1.17 -4.23
C PRO B 49 -9.87 -2.67 -4.01
N ARG B 50 -10.90 -3.46 -3.70
CA ARG B 50 -10.70 -4.86 -3.32
C ARG B 50 -10.56 -5.81 -4.53
N ALA B 51 -9.61 -6.72 -4.41
CA ALA B 51 -9.36 -7.74 -5.42
C ALA B 51 -10.23 -8.90 -5.05
N THR B 52 -11.34 -9.06 -5.78
CA THR B 52 -12.33 -10.10 -5.46
C THR B 52 -12.74 -10.86 -6.71
N ASP B 53 -13.47 -11.96 -6.51
CA ASP B 53 -13.96 -12.76 -7.63
C ASP B 53 -14.98 -12.01 -8.47
N LYS B 54 -15.46 -10.86 -7.96
CA LYS B 54 -16.32 -10.00 -8.77
C LYS B 54 -15.58 -9.33 -9.93
N ASP B 55 -14.26 -9.43 -9.94
CA ASP B 55 -13.46 -8.81 -11.00
C ASP B 55 -13.42 -9.66 -12.26
N ILE B 56 -13.85 -10.92 -12.16
CA ILE B 56 -13.96 -11.82 -13.32
C ILE B 56 -15.44 -12.17 -13.56
N THR B 57 -15.89 -12.06 -14.81
CA THR B 57 -17.31 -12.33 -15.12
C THR B 57 -17.53 -13.69 -15.81
N GLY B 58 -16.45 -14.29 -16.31
CA GLY B 58 -16.56 -15.52 -17.08
C GLY B 58 -16.36 -16.76 -16.24
N THR B 59 -16.37 -17.90 -16.91
CA THR B 59 -16.10 -19.16 -16.25
C THR B 59 -14.70 -19.10 -15.64
N LEU B 60 -14.63 -19.41 -14.35
CA LEU B 60 -13.36 -19.39 -13.67
C LEU B 60 -12.51 -20.54 -14.15
N SER B 61 -11.20 -20.30 -14.25
CA SER B 61 -10.25 -21.32 -14.58
C SER B 61 -10.24 -22.45 -13.53
N ASN B 62 -10.31 -22.08 -12.25
CA ASN B 62 -10.39 -23.05 -11.15
C ASN B 62 -11.44 -22.60 -10.14
N PRO B 63 -12.69 -23.02 -10.35
CA PRO B 63 -13.77 -22.47 -9.55
C PRO B 63 -13.89 -23.08 -8.14
N GLU B 64 -12.98 -23.98 -7.77
CA GLU B 64 -13.01 -24.55 -6.41
C GLU B 64 -11.94 -23.99 -5.47
N VAL B 65 -10.84 -23.49 -6.05
CA VAL B 65 -9.82 -22.76 -5.30
C VAL B 65 -9.52 -21.45 -6.07
N PHE B 66 -10.03 -20.34 -5.54
CA PHE B 66 -9.88 -19.04 -6.20
C PHE B 66 -8.48 -18.46 -6.02
N ASN B 67 -7.80 -18.19 -7.14
CA ASN B 67 -6.48 -17.57 -7.16
C ASN B 67 -6.61 -16.30 -8.01
N TYR B 68 -6.52 -15.14 -7.36
CA TYR B 68 -6.83 -13.87 -8.03
C TYR B 68 -5.90 -13.59 -9.21
N GLY B 69 -4.60 -13.79 -9.01
CA GLY B 69 -3.60 -13.63 -10.06
C GLY B 69 -3.91 -14.48 -11.28
N VAL B 70 -4.11 -15.79 -11.06
CA VAL B 70 -4.44 -16.69 -12.18
C VAL B 70 -5.73 -16.25 -12.89
N GLU B 71 -6.77 -16.01 -12.12
CA GLU B 71 -8.09 -15.75 -12.70
C GLU B 71 -8.15 -14.44 -13.48
N THR B 72 -7.50 -13.39 -12.96
CA THR B 72 -7.46 -12.11 -13.68
C THR B 72 -6.55 -12.15 -14.93
N HIS B 73 -5.46 -12.91 -14.87
CA HIS B 73 -4.63 -13.09 -16.07
C HIS B 73 -5.47 -13.74 -17.18
N GLU B 74 -6.22 -14.78 -16.80
CA GLU B 74 -7.08 -15.49 -17.74
C GLU B 74 -8.24 -14.63 -18.21
N ALA B 75 -8.85 -13.89 -17.29
CA ALA B 75 -9.93 -12.99 -17.61
C ALA B 75 -9.46 -11.88 -18.57
N TYR B 76 -8.24 -11.40 -18.37
CA TYR B 76 -7.66 -10.45 -19.31
C TYR B 76 -7.57 -11.00 -20.75
N LYS B 77 -6.96 -12.17 -20.90
CA LYS B 77 -6.76 -12.75 -22.24
C LYS B 77 -8.09 -13.06 -22.89
N GLN B 78 -9.09 -13.38 -22.07
CA GLN B 78 -10.40 -13.77 -22.56
C GLN B 78 -11.36 -12.60 -22.69
N ARG B 79 -11.00 -11.45 -22.09
CA ARG B 79 -11.86 -10.27 -22.00
C ARG B 79 -13.10 -10.49 -21.13
N SER B 80 -12.92 -11.07 -19.96
CA SER B 80 -14.01 -11.19 -19.02
C SER B 80 -13.72 -10.49 -17.70
N LEU B 81 -12.83 -9.49 -17.75
CA LEU B 81 -12.58 -8.64 -16.57
C LEU B 81 -13.76 -7.70 -16.40
N ALA B 82 -14.04 -7.32 -15.15
CA ALA B 82 -15.03 -6.29 -14.87
C ALA B 82 -14.66 -5.02 -15.63
N SER B 83 -15.67 -4.28 -16.04
CA SER B 83 -15.46 -3.16 -16.95
C SER B 83 -14.77 -1.94 -16.31
N ASP B 84 -14.90 -1.77 -14.99
CA ASP B 84 -14.19 -0.67 -14.33
C ASP B 84 -12.67 -0.82 -14.48
N ILE B 85 -12.23 -2.08 -14.50
CA ILE B 85 -10.82 -2.41 -14.72
C ILE B 85 -10.42 -2.10 -16.15
N THR B 86 -11.20 -2.61 -17.11
CA THR B 86 -10.84 -2.42 -18.51
C THR B 86 -10.92 -0.94 -18.91
N ASP B 87 -11.90 -0.20 -18.37
CA ASP B 87 -11.90 1.28 -18.55
C ASP B 87 -10.56 1.91 -18.15
N GLU B 88 -10.01 1.51 -17.01
CA GLU B 88 -8.72 2.08 -16.59
C GLU B 88 -7.58 1.63 -17.50
N GLN B 89 -7.61 0.39 -17.95
CA GLN B 89 -6.55 -0.13 -18.80
C GLN B 89 -6.50 0.61 -20.14
N LYS B 90 -7.67 0.97 -20.66
CA LYS B 90 -7.71 1.76 -21.88
C LYS B 90 -7.02 3.11 -21.71
N LYS B 91 -7.28 3.79 -20.59
CA LYS B 91 -6.62 5.08 -20.30
C LYS B 91 -5.10 4.92 -20.24
N VAL B 92 -4.66 3.88 -19.54
CA VAL B 92 -3.24 3.61 -19.37
C VAL B 92 -2.58 3.25 -20.71
N ARG B 93 -3.24 2.36 -21.46
CA ARG B 93 -2.76 1.92 -22.76
C ARG B 93 -2.51 3.11 -23.68
N GLU B 94 -3.44 4.05 -23.67
CA GLU B 94 -3.35 5.23 -24.56
C GLU B 94 -2.40 6.30 -24.08
N ALA B 95 -2.08 6.30 -22.79
CA ALA B 95 -1.25 7.36 -22.19
C ALA B 95 0.22 7.25 -22.56
N ASP B 96 0.85 8.41 -22.76
CA ASP B 96 2.30 8.49 -22.87
C ASP B 96 2.94 8.69 -21.51
N LEU B 97 2.19 9.34 -20.62
CA LEU B 97 2.62 9.69 -19.28
C LEU B 97 1.48 9.44 -18.30
N VAL B 98 1.81 8.79 -17.19
CA VAL B 98 0.86 8.61 -16.08
C VAL B 98 1.40 9.27 -14.83
N ILE B 99 0.66 10.27 -14.36
CA ILE B 99 0.98 10.98 -13.12
C ILE B 99 0.06 10.47 -12.02
N PHE B 100 0.64 10.12 -10.86
CA PHE B 100 -0.15 9.71 -9.71
C PHE B 100 -0.09 10.85 -8.72
N GLN B 101 -1.25 11.38 -8.37
CA GLN B 101 -1.34 12.52 -7.46
C GLN B 101 -2.04 12.07 -6.19
N PHE B 102 -1.33 12.11 -5.05
CA PHE B 102 -1.87 11.55 -3.83
C PHE B 102 -1.11 12.02 -2.60
N PRO B 103 -1.82 12.08 -1.46
CA PRO B 103 -1.15 12.24 -0.16
C PRO B 103 -0.56 10.91 0.30
N LEU B 104 0.64 10.96 0.87
CA LEU B 104 1.27 9.79 1.49
C LEU B 104 0.42 9.32 2.67
N TYR B 105 0.07 8.03 2.64
CA TYR B 105 -0.69 7.37 3.71
C TYR B 105 0.17 6.20 4.13
N TRP B 106 0.70 6.23 5.34
CA TRP B 106 1.58 5.18 5.85
C TRP B 106 2.71 4.82 4.89
N PHE B 107 3.49 5.85 4.49
CA PHE B 107 4.68 5.68 3.66
C PHE B 107 4.32 5.04 2.32
N SER B 108 3.07 5.23 1.87
CA SER B 108 2.61 4.56 0.65
C SER B 108 1.41 5.31 0.06
N VAL B 109 0.72 4.70 -0.90
CA VAL B 109 -0.47 5.31 -1.50
C VAL B 109 -1.72 5.02 -0.65
N PRO B 110 -2.70 5.94 -0.64
CA PRO B 110 -4.01 5.61 -0.05
C PRO B 110 -4.53 4.28 -0.58
N ALA B 111 -5.23 3.50 0.24
CA ALA B 111 -5.75 2.20 -0.18
C ALA B 111 -6.53 2.24 -1.49
N ILE B 112 -7.30 3.31 -1.73
CA ILE B 112 -8.10 3.40 -2.95
C ILE B 112 -7.22 3.38 -4.20
N LEU B 113 -6.09 4.07 -4.12
CA LEU B 113 -5.06 4.03 -5.17
C LEU B 113 -4.30 2.70 -5.17
N LYS B 114 -4.06 2.13 -3.99
CA LYS B 114 -3.42 0.77 -3.96
C LYS B 114 -4.28 -0.26 -4.73
N GLY B 115 -5.60 -0.18 -4.56
CA GLY B 115 -6.53 -1.08 -5.27
C GLY B 115 -6.52 -0.87 -6.78
N TRP B 116 -6.29 0.37 -7.21
CA TRP B 116 -6.16 0.69 -8.61
C TRP B 116 -4.93 -0.05 -9.13
N MET B 117 -3.80 0.07 -8.42
CA MET B 117 -2.62 -0.71 -8.82
C MET B 117 -2.90 -2.23 -8.82
N ASP B 118 -3.47 -2.74 -7.73
CA ASP B 118 -3.72 -4.19 -7.60
C ASP B 118 -4.57 -4.76 -8.74
N ARG B 119 -5.63 -4.02 -9.08
CA ARG B 119 -6.66 -4.48 -9.99
C ARG B 119 -6.41 -4.10 -11.44
N VAL B 120 -5.81 -2.94 -11.67
CA VAL B 120 -5.63 -2.49 -13.05
C VAL B 120 -4.39 -3.10 -13.70
N LEU B 121 -3.31 -3.24 -12.92
CA LEU B 121 -2.04 -3.69 -13.48
C LEU B 121 -1.91 -5.19 -13.45
N CYS B 122 -2.77 -5.86 -14.21
CA CYS B 122 -2.85 -7.32 -14.13
C CYS B 122 -1.89 -7.97 -15.10
N GLN B 123 -1.56 -9.24 -14.85
CA GLN B 123 -0.72 -10.00 -15.76
C GLN B 123 -1.40 -10.11 -17.12
N GLY B 124 -0.61 -9.99 -18.18
CA GLY B 124 -1.16 -9.93 -19.53
C GLY B 124 -1.28 -8.49 -20.01
N PHE B 125 -1.66 -7.60 -19.10
CA PHE B 125 -1.79 -6.19 -19.46
C PHE B 125 -0.52 -5.39 -19.19
N ALA B 126 -0.07 -5.40 -17.94
CA ALA B 126 1.01 -4.54 -17.46
C ALA B 126 2.36 -5.24 -17.43
N PHE B 127 2.32 -6.57 -17.28
CA PHE B 127 3.52 -7.41 -17.27
C PHE B 127 3.14 -8.83 -17.69
N ASP B 128 4.15 -9.61 -18.05
N ASP B 128 4.16 -9.60 -18.07
CA ASP B 128 3.98 -11.05 -18.15
CA ASP B 128 4.03 -11.03 -18.31
C ASP B 128 5.19 -11.72 -17.53
C ASP B 128 5.18 -11.72 -17.57
N ILE B 129 5.13 -13.05 -17.45
CA ILE B 129 6.20 -13.84 -16.85
C ILE B 129 6.68 -14.79 -17.93
N PRO B 130 7.82 -14.50 -18.58
CA PRO B 130 8.70 -13.33 -18.43
C PRO B 130 8.11 -12.11 -19.15
N GLY B 131 8.69 -10.94 -18.89
CA GLY B 131 8.16 -9.69 -19.44
C GLY B 131 7.87 -8.68 -18.35
N PHE B 132 8.92 -8.37 -17.58
CA PHE B 132 8.80 -7.43 -16.47
C PHE B 132 10.11 -6.65 -16.30
N TYR B 133 10.11 -5.68 -15.38
CA TYR B 133 11.13 -4.63 -15.31
C TYR B 133 11.38 -4.03 -16.69
N ASP B 134 12.61 -4.12 -17.21
CA ASP B 134 12.91 -3.48 -18.48
C ASP B 134 12.11 -4.10 -19.62
N SER B 135 11.63 -5.32 -19.42
CA SER B 135 10.76 -5.95 -20.42
C SER B 135 9.26 -5.87 -20.06
N GLY B 136 8.89 -5.00 -19.12
CA GLY B 136 7.48 -4.83 -18.74
C GLY B 136 6.61 -4.39 -19.92
N LEU B 137 5.31 -4.67 -19.85
CA LEU B 137 4.45 -4.43 -21.02
C LEU B 137 4.13 -2.96 -21.26
N LEU B 138 4.38 -2.10 -20.28
CA LEU B 138 4.11 -0.66 -20.43
C LEU B 138 5.40 0.10 -20.77
N GLN B 139 6.40 -0.63 -21.27
CA GLN B 139 7.61 0.00 -21.80
C GLN B 139 7.27 1.09 -22.81
N GLY B 140 8.09 2.13 -22.81
CA GLY B 140 7.92 3.28 -23.69
C GLY B 140 7.05 4.34 -23.05
N LYS B 141 6.41 3.99 -21.93
CA LYS B 141 5.59 4.94 -21.16
C LYS B 141 6.35 5.54 -20.00
N LEU B 142 5.95 6.76 -19.65
CA LEU B 142 6.48 7.47 -18.51
C LEU B 142 5.50 7.43 -17.34
N ALA B 143 6.04 7.46 -16.12
CA ALA B 143 5.24 7.61 -14.91
C ALA B 143 5.95 8.52 -13.91
N LEU B 144 5.15 9.20 -13.08
CA LEU B 144 5.65 10.20 -12.14
C LEU B 144 4.75 10.16 -10.91
N LEU B 145 5.35 10.01 -9.72
CA LEU B 145 4.61 10.14 -8.48
C LEU B 145 4.67 11.57 -7.99
N SER B 146 3.51 12.19 -7.86
CA SER B 146 3.41 13.49 -7.25
C SER B 146 2.76 13.32 -5.89
N VAL B 147 3.58 13.37 -4.84
CA VAL B 147 3.22 13.00 -3.49
C VAL B 147 3.20 14.22 -2.58
N THR B 148 2.25 14.28 -1.65
CA THR B 148 2.27 15.29 -0.57
C THR B 148 2.50 14.57 0.77
N THR B 149 3.10 15.27 1.75
CA THR B 149 3.36 14.65 3.06
C THR B 149 2.84 15.49 4.23
N GLY B 150 2.69 14.82 5.38
CA GLY B 150 2.55 15.51 6.68
C GLY B 150 3.91 15.97 7.17
N GLY B 151 4.93 15.13 7.02
CA GLY B 151 6.29 15.42 7.49
C GLY B 151 7.07 16.39 6.62
N THR B 152 8.01 17.09 7.26
CA THR B 152 8.87 18.05 6.56
C THR B 152 9.99 17.34 5.78
N ALA B 153 10.58 18.05 4.82
CA ALA B 153 11.77 17.57 4.11
C ALA B 153 12.85 17.03 5.05
N GLU B 154 13.08 17.76 6.16
CA GLU B 154 14.08 17.39 7.17
C GLU B 154 13.85 16.00 7.77
N MET B 155 12.59 15.70 8.09
CA MET B 155 12.22 14.42 8.68
C MET B 155 12.45 13.29 7.69
N TYR B 156 12.38 13.62 6.40
CA TYR B 156 12.58 12.66 5.32
C TYR B 156 14.01 12.69 4.75
N THR B 157 14.99 12.82 5.64
CA THR B 157 16.39 12.68 5.28
C THR B 157 16.91 11.41 5.94
N LYS B 158 18.09 10.99 5.51
CA LYS B 158 18.74 9.78 6.02
C LYS B 158 18.85 9.68 7.56
N THR B 159 18.82 10.80 8.28
CA THR B 159 19.20 10.79 9.71
C THR B 159 18.32 11.43 10.81
N GLY B 160 17.16 12.04 10.53
CA GLY B 160 16.21 11.63 9.53
C GLY B 160 15.28 10.73 10.32
N VAL B 161 14.25 11.29 10.94
CA VAL B 161 13.35 10.48 11.77
C VAL B 161 12.62 9.39 10.95
N ASN B 162 12.20 9.76 9.74
CA ASN B 162 11.53 8.84 8.82
C ASN B 162 12.46 8.12 7.87
N GLY B 163 13.75 8.44 7.90
CA GLY B 163 14.68 7.94 6.90
C GLY B 163 14.50 8.71 5.60
N ASP B 164 15.33 8.43 4.61
CA ASP B 164 15.28 9.20 3.36
C ASP B 164 13.95 8.97 2.60
N SER B 165 13.41 10.05 2.02
CA SER B 165 12.17 9.96 1.22
C SER B 165 12.22 8.85 0.18
N ARG B 166 13.38 8.69 -0.46
CA ARG B 166 13.59 7.64 -1.48
C ARG B 166 13.38 6.19 -0.97
N TYR B 167 13.52 5.96 0.34
CA TYR B 167 13.30 4.62 0.89
C TYR B 167 11.86 4.15 0.62
N PHE B 168 10.87 4.98 0.97
CA PHE B 168 9.47 4.61 0.80
C PHE B 168 9.02 4.62 -0.67
N LEU B 169 9.81 5.25 -1.54
CA LEU B 169 9.50 5.27 -2.97
C LEU B 169 9.73 3.93 -3.66
N TRP B 170 10.55 3.07 -3.06
CA TRP B 170 10.98 1.82 -3.70
C TRP B 170 9.86 0.85 -4.14
N PRO B 171 8.93 0.49 -3.24
CA PRO B 171 7.91 -0.47 -3.67
C PRO B 171 7.05 0.13 -4.79
N LEU B 172 6.88 1.45 -4.78
CA LEU B 172 6.09 2.16 -5.81
C LEU B 172 6.86 2.40 -7.11
N GLN B 173 8.00 3.10 -7.04
CA GLN B 173 8.77 3.37 -8.24
C GLN B 173 9.35 2.13 -8.88
N HIS B 174 9.99 1.29 -8.06
CA HIS B 174 10.68 0.11 -8.56
C HIS B 174 9.77 -1.12 -8.60
N GLY B 175 9.19 -1.43 -7.45
CA GLY B 175 8.39 -2.64 -7.31
C GLY B 175 7.13 -2.66 -8.19
N THR B 176 6.62 -1.48 -8.51
CA THR B 176 5.38 -1.39 -9.28
C THR B 176 5.60 -0.77 -10.67
N LEU B 177 6.04 0.48 -10.72
CA LEU B 177 6.12 1.19 -12.01
C LEU B 177 7.25 0.61 -12.88
N HIS B 178 8.47 0.53 -12.34
CA HIS B 178 9.57 -0.07 -13.13
C HIS B 178 9.21 -1.51 -13.52
N PHE B 179 8.61 -2.27 -12.59
CA PHE B 179 8.26 -3.68 -12.81
C PHE B 179 7.39 -3.82 -14.05
N CYS B 180 6.48 -2.88 -14.23
CA CYS B 180 5.58 -2.90 -15.39
C CYS B 180 6.21 -2.31 -16.64
N GLY B 181 7.45 -1.83 -16.52
CA GLY B 181 8.18 -1.31 -17.68
C GLY B 181 8.15 0.19 -17.88
N PHE B 182 7.52 0.94 -16.97
CA PHE B 182 7.56 2.40 -17.09
C PHE B 182 9.00 2.88 -16.93
N LYS B 183 9.34 3.94 -17.65
CA LYS B 183 10.44 4.78 -17.25
C LYS B 183 9.89 5.72 -16.20
N VAL B 184 10.56 5.81 -15.05
CA VAL B 184 10.10 6.62 -13.94
C VAL B 184 10.78 8.01 -13.93
N LEU B 185 9.97 9.06 -14.03
CA LEU B 185 10.47 10.42 -13.84
C LEU B 185 10.67 10.70 -12.35
N ALA B 186 11.51 11.70 -12.04
CA ALA B 186 11.74 12.08 -10.66
C ALA B 186 10.44 12.42 -9.95
N PRO B 187 10.27 11.91 -8.71
CA PRO B 187 9.05 12.21 -7.96
C PRO B 187 8.93 13.71 -7.72
N GLN B 188 7.70 14.19 -7.67
CA GLN B 188 7.48 15.52 -7.18
C GLN B 188 7.00 15.34 -5.74
N ILE B 189 7.79 15.79 -4.78
CA ILE B 189 7.36 15.69 -3.39
C ILE B 189 7.14 17.07 -2.81
N SER B 190 5.88 17.34 -2.48
CA SER B 190 5.49 18.62 -1.89
C SER B 190 5.35 18.44 -0.38
N PHE B 191 6.43 18.78 0.34
CA PHE B 191 6.54 18.47 1.77
C PHE B 191 5.69 19.38 2.64
N ALA B 192 4.96 18.73 3.56
CA ALA B 192 4.28 19.37 4.68
C ALA B 192 3.48 20.64 4.37
N PRO B 193 2.51 20.56 3.40
CA PRO B 193 1.72 21.75 3.08
C PRO B 193 0.86 22.27 4.23
N GLU B 194 0.39 21.37 5.10
CA GLU B 194 -0.45 21.78 6.24
C GLU B 194 0.30 22.74 7.17
N ILE B 195 1.60 22.53 7.36
CA ILE B 195 2.44 23.35 8.23
C ILE B 195 2.99 24.62 7.53
N ALA B 196 3.16 24.54 6.21
CA ALA B 196 3.75 25.62 5.42
C ALA B 196 2.96 26.93 5.46
N SER B 197 3.64 28.04 5.16
CA SER B 197 3.00 29.35 4.96
C SER B 197 2.07 29.31 3.77
N GLU B 198 1.22 30.34 3.66
CA GLU B 198 0.45 30.58 2.45
C GLU B 198 1.41 30.74 1.27
N GLU B 199 2.48 31.49 1.49
CA GLU B 199 3.48 31.79 0.47
C GLU B 199 4.26 30.56 0.05
N GLU B 200 4.55 29.69 1.01
CA GLU B 200 5.32 28.50 0.73
C GLU B 200 4.46 27.47 -0.01
N ARG B 201 3.16 27.47 0.26
CA ARG B 201 2.23 26.60 -0.44
C ARG B 201 2.06 27.06 -1.89
N LYS B 202 1.84 28.36 -2.08
CA LYS B 202 1.78 28.95 -3.40
C LYS B 202 3.05 28.64 -4.18
N GLY B 203 4.19 28.71 -3.49
CA GLY B 203 5.47 28.34 -4.08
C GLY B 203 5.55 26.90 -4.53
N MET B 204 5.07 25.97 -3.70
CA MET B 204 5.10 24.55 -4.04
C MET B 204 4.21 24.24 -5.24
N VAL B 205 3.03 24.84 -5.28
CA VAL B 205 2.09 24.73 -6.40
C VAL B 205 2.72 25.32 -7.68
N ALA B 206 3.32 26.50 -7.54
CA ALA B 206 3.97 27.14 -8.68
C ALA B 206 5.15 26.33 -9.23
N ALA B 207 5.93 25.72 -8.33
CA ALA B 207 7.06 24.88 -8.74
C ALA B 207 6.65 23.66 -9.56
N TRP B 208 5.54 23.04 -9.18
CA TRP B 208 5.00 21.91 -9.91
C TRP B 208 4.57 22.34 -11.32
N SER B 209 3.79 23.43 -11.37
CA SER B 209 3.35 24.04 -12.62
C SER B 209 4.54 24.31 -13.54
N GLN B 210 5.55 24.97 -12.97
CA GLN B 210 6.72 25.34 -13.76
C GLN B 210 7.50 24.10 -14.20
N ARG B 211 7.60 23.08 -13.34
CA ARG B 211 8.25 21.82 -13.74
C ARG B 211 7.53 21.19 -14.93
N LEU B 212 6.20 21.19 -14.91
CA LEU B 212 5.41 20.61 -15.99
C LEU B 212 5.66 21.26 -17.35
N GLN B 213 5.98 22.56 -17.34
CA GLN B 213 6.30 23.26 -18.58
C GLN B 213 7.37 22.54 -19.39
N THR B 214 8.29 21.87 -18.71
CA THR B 214 9.41 21.23 -19.41
C THR B 214 9.50 19.73 -19.13
N ILE B 215 8.36 19.13 -18.76
CA ILE B 215 8.32 17.68 -18.42
C ILE B 215 8.78 16.75 -19.54
N TRP B 216 8.50 17.11 -20.79
CA TRP B 216 8.77 16.23 -21.93
C TRP B 216 10.26 16.19 -22.30
N LYS B 217 11.02 17.08 -21.67
CA LYS B 217 12.46 17.17 -21.87
C LYS B 217 13.24 16.44 -20.78
N GLU B 218 12.56 15.94 -19.75
CA GLU B 218 13.24 15.26 -18.65
C GLU B 218 13.68 13.87 -19.03
N GLU B 219 14.76 13.41 -18.39
CA GLU B 219 15.18 12.04 -18.48
C GLU B 219 14.59 11.31 -17.29
N PRO B 220 14.35 10.01 -17.43
CA PRO B 220 13.88 9.32 -16.23
C PRO B 220 15.01 9.19 -15.18
N ILE B 221 14.67 8.70 -14.00
CA ILE B 221 15.68 8.39 -13.01
C ILE B 221 16.27 7.01 -13.32
N PRO B 222 17.52 6.78 -12.88
CA PRO B 222 17.98 5.40 -12.95
C PRO B 222 17.29 4.66 -11.80
N CYS B 223 16.25 3.90 -12.12
CA CYS B 223 15.42 3.28 -11.08
C CYS B 223 16.10 2.01 -10.55
N THR B 224 17.01 2.22 -9.59
CA THR B 224 17.85 1.13 -9.09
C THR B 224 17.95 1.23 -7.59
N ALA B 225 18.44 0.15 -6.97
CA ALA B 225 18.77 0.13 -5.53
C ALA B 225 19.70 1.29 -5.14
N HIS B 226 20.76 1.50 -5.93
CA HIS B 226 21.69 2.59 -5.62
C HIS B 226 21.01 3.97 -5.60
N TRP B 227 20.14 4.26 -6.57
CA TRP B 227 19.41 5.53 -6.58
C TRP B 227 18.56 5.66 -5.31
N HIS B 228 17.87 4.58 -4.95
CA HIS B 228 16.96 4.61 -3.80
C HIS B 228 17.64 4.60 -2.43
N PHE B 229 18.69 3.81 -2.29
CA PHE B 229 19.31 3.53 -0.99
C PHE B 229 20.78 3.97 -0.88
N GLY B 230 21.39 4.37 -1.99
CA GLY B 230 22.81 4.80 -2.00
C GLY B 230 23.79 3.69 -1.64
N GLN B 231 24.96 4.10 -1.15
CA GLN B 231 25.97 3.25 -0.49
C GLN B 231 26.32 1.91 -1.16
ZN ZN C . 11.40 1.14 12.85
PA FAD D . -2.03 -20.39 -3.00
O1A FAD D . -2.16 -20.47 -4.52
O2A FAD D . -3.38 -20.26 -2.34
O5B FAD D . -1.20 -21.67 -2.46
C5B FAD D . -0.23 -22.33 -3.24
C4B FAD D . -0.54 -23.82 -3.19
O4B FAD D . -0.53 -24.28 -1.84
C3B FAD D . -1.92 -24.15 -3.73
O3B FAD D . -1.77 -25.24 -4.61
C2B FAD D . -2.73 -24.56 -2.51
O2B FAD D . -3.69 -25.55 -2.81
C1B FAD D . -1.64 -25.11 -1.62
N9A FAD D . -1.94 -25.20 -0.18
C8A FAD D . -2.85 -24.50 0.58
N7A FAD D . -2.75 -24.92 1.87
C5A FAD D . -1.79 -25.88 1.93
C6A FAD D . -1.28 -26.66 2.98
N6A FAD D . -1.87 -26.68 4.16
N1A FAD D . -0.27 -27.57 2.71
C2A FAD D . 0.22 -27.73 1.43
N3A FAD D . -0.30 -26.96 0.40
C4A FAD D . -1.28 -26.06 0.65
N1 FAD D . 4.45 -11.62 -5.60
C2 FAD D . 5.67 -11.08 -5.30
O2 FAD D . 6.62 -11.84 -5.03
N3 FAD D . 5.85 -9.72 -5.33
C4 FAD D . 4.79 -8.87 -5.61
O4 FAD D . 4.99 -7.65 -5.61
C4X FAD D . 3.53 -9.42 -5.90
N5 FAD D . 2.44 -8.62 -6.22
C5X FAD D . 1.20 -9.20 -6.50
C6 FAD D . 0.11 -8.38 -6.82
C7 FAD D . -1.13 -8.93 -7.11
C7M FAD D . -2.28 -8.00 -7.43
C8 FAD D . -1.30 -10.33 -7.08
C8M FAD D . -2.63 -10.96 -7.38
C9 FAD D . -0.21 -11.16 -6.76
C9A FAD D . 1.04 -10.60 -6.48
N10 FAD D . 2.14 -11.38 -6.16
C10 FAD D . 3.36 -10.79 -5.88
C1' FAD D . 2.05 -12.88 -6.09
C2' FAD D . 1.41 -13.30 -4.73
O2' FAD D . 2.06 -12.72 -3.62
C3' FAD D . 1.32 -14.82 -4.58
O3' FAD D . 0.41 -15.26 -5.57
C4' FAD D . 0.79 -15.29 -3.21
O4' FAD D . 1.60 -14.79 -2.19
C5' FAD D . 0.70 -16.81 -3.07
O5' FAD D . 0.02 -17.10 -1.85
P FAD D . -1.41 -17.84 -1.83
O1P FAD D . -2.42 -17.03 -2.64
O2P FAD D . -1.92 -18.10 -0.44
O3P FAD D . -1.02 -19.22 -2.59
ZN ZN E . 13.58 0.39 -10.66
PA FAD F . -4.50 20.03 2.70
O1A FAD F . -4.90 20.04 4.16
O2A FAD F . -5.67 19.89 1.79
O5B FAD F . -3.67 21.35 2.34
C5B FAD F . -2.98 22.09 3.32
C4B FAD F . -3.41 23.54 3.15
O4B FAD F . -3.15 24.00 1.83
C3B FAD F . -4.92 23.72 3.36
O3B FAD F . -5.15 24.77 4.28
C2B FAD F . -5.46 24.14 2.02
O2B FAD F . -6.48 25.10 2.15
C1B FAD F . -4.25 24.76 1.39
N9A FAD F . -4.33 24.84 -0.08
C8A FAD F . -5.06 24.07 -0.95
N7A FAD F . -4.80 24.51 -2.20
C5A FAD F . -3.93 25.54 -2.13
C6A FAD F . -3.34 26.37 -3.08
N6A FAD F . -3.67 26.31 -4.37
N1A FAD F . -2.48 27.37 -2.67
C2A FAD F . -2.19 27.56 -1.34
N3A FAD F . -2.77 26.74 -0.41
C4A FAD F . -3.64 25.76 -0.79
N1 FAD F . 2.22 11.92 6.30
C2 FAD F . 3.52 11.51 6.21
O2 FAD F . 4.40 12.36 6.08
N3 FAD F . 3.82 10.15 6.29
C4 FAD F . 2.81 9.21 6.40
O4 FAD F . 3.11 8.01 6.44
C4X FAD F . 1.49 9.64 6.48
N5 FAD F . 0.45 8.74 6.63
C5X FAD F . -0.86 9.20 6.69
C6 FAD F . -1.91 8.28 6.84
C7 FAD F . -3.22 8.73 6.91
C7M FAD F . -4.32 7.70 7.06
C8 FAD F . -3.51 10.10 6.84
C8M FAD F . -4.91 10.64 6.90
C9 FAD F . -2.45 11.02 6.71
C9A FAD F . -1.14 10.57 6.62
N10 FAD F . -0.09 11.47 6.49
C10 FAD F . 1.20 11.01 6.43
C1' FAD F . -0.35 12.96 6.39
C2' FAD F . -0.75 13.30 4.93
O2' FAD F . 0.17 12.81 3.92
C3' FAD F . -0.98 14.79 4.74
O3' FAD F . -2.04 15.13 5.60
C4' FAD F . -1.32 15.19 3.29
O4' FAD F . -0.23 14.88 2.47
C5' FAD F . -1.56 16.70 3.11
O5' FAD F . -2.05 16.91 1.80
P FAD F . -3.51 17.56 1.61
O1P FAD F . -4.60 16.74 2.28
O2P FAD F . -3.86 17.85 0.18
O3P FAD F . -3.35 18.94 2.45
C1 695 G . 2.85 -11.12 -9.68
N1 695 G . 8.57 -11.82 -10.02
O1 695 G . 7.16 -13.36 -8.45
S1 695 G . 7.70 -11.83 -8.67
C2 695 G . 1.75 -10.25 -9.84
N2 695 G . 0.52 -13.91 -9.55
O2 695 G . 8.71 -11.34 -7.48
C3 695 G . 1.90 -8.88 -9.65
O3 695 G . -0.75 -14.33 -7.74
C4 695 G . 3.14 -8.35 -9.30
C5 695 G . 4.23 -9.19 -9.15
C6 695 G . 4.09 -10.57 -9.34
C7 695 G . 5.21 -11.39 -9.17
C8 695 G . 6.45 -10.85 -8.83
C9 695 G . 6.58 -9.47 -8.64
C10 695 G . 5.47 -8.64 -8.80
C13 695 G . 8.07 -12.48 -11.20
C16 695 G . 2.68 -12.61 -9.92
C17 695 G . 1.69 -13.26 -8.96
C19 695 G . -0.30 -14.69 -8.82
C20 695 G . -0.66 -16.03 -9.39
C1 695 H . 0.86 11.27 9.89
N1 695 H . 6.43 12.39 11.30
O1 695 H . 6.87 12.31 8.68
S1 695 H . 5.74 12.48 9.83
C2 695 H . -0.14 10.30 9.86
N2 695 H . 0.75 12.76 12.50
O2 695 H . 5.00 13.95 9.77
C3 695 H . 0.17 8.95 9.76
O3 695 H . 0.23 14.26 14.09
C4 695 H . 1.50 8.54 9.70
C5 695 H . 2.51 9.49 9.72
C6 695 H . 2.20 10.86 9.82
C7 695 H . 3.25 11.78 9.83
C8 695 H . 4.59 11.37 9.76
C9 695 H . 4.88 10.01 9.67
C10 695 H . 3.84 9.06 9.64
C13 695 H . 7.46 11.43 11.61
C16 695 H . 0.41 12.72 10.00
C17 695 H . 0.92 13.47 11.23
C19 695 H . 0.92 13.32 13.71
C20 695 H . 1.98 12.71 14.60
#